data_7Q7R
#
_entry.id   7Q7R
#
_cell.length_a   67.515
_cell.length_b   67.515
_cell.length_c   166.921
_cell.angle_alpha   90.000
_cell.angle_beta   90.000
_cell.angle_gamma   120.000
#
_symmetry.space_group_name_H-M   'P 61 2 2'
#
loop_
_entity.id
_entity.type
_entity.pdbx_description
1 polymer 'B-cell lymphoma 6 protein'
2 non-polymer 2-chloranyl-4-[[(2S)-2-cyclopropyl-3,3-bis(fluoranyl)-7-methyl-6-oxidanylidene-2,4-dihydro-1H-[1,4]oxazepino[2,3-c]quinolin-10-yl]amino]pyridine-3-carbonitrile
3 non-polymer 'CHLORIDE ION'
4 water water
#
_entity_poly.entity_id   1
_entity_poly.type   'polypeptide(L)'
_entity_poly.pdbx_seq_one_letter_code
;GPGLDYKDDDDKENLYFQGADSCIQFTRHASDVLLNLNRLRSRDILTDVVIVVSREQFRAHKTVLMACSGLFYSIFTDQL
KCNLSVINLDPEINPEGFCILLDFMYTSRLNLREGNIMAVMATAMYLQMEHVVDTCRKFIKASE
;
_entity_poly.pdbx_strand_id   A
#
# COMPACT_ATOMS: atom_id res chain seq x y z
N LEU A 15 -12.68 9.62 -22.30
CA LEU A 15 -11.59 8.75 -22.73
C LEU A 15 -10.25 9.52 -22.65
N TYR A 16 -10.14 10.64 -23.37
CA TYR A 16 -8.93 11.44 -23.35
C TYR A 16 -9.24 12.93 -23.37
N PHE A 17 -8.25 13.74 -23.00
CA PHE A 17 -8.41 15.18 -22.99
C PHE A 17 -7.10 15.90 -23.32
N GLN A 18 -7.17 17.21 -23.57
CA GLN A 18 -5.99 18.01 -23.82
C GLN A 18 -5.46 18.42 -22.45
N GLY A 19 -4.26 17.95 -22.12
CA GLY A 19 -3.64 18.27 -20.85
C GLY A 19 -3.15 19.71 -20.81
N ALA A 20 -2.79 20.20 -19.62
CA ALA A 20 -2.26 21.57 -19.48
C ALA A 20 -0.97 21.75 -20.30
N ASP A 21 -0.18 20.68 -20.50
CA ASP A 21 1.06 20.68 -21.28
C ASP A 21 0.81 20.47 -22.79
N SER A 22 -0.43 20.75 -23.28
CA SER A 22 -0.85 20.57 -24.67
C SER A 22 -0.57 19.16 -25.20
N CYS A 23 -0.68 18.15 -24.33
CA CYS A 23 -0.44 16.76 -24.69
C CYS A 23 -1.73 15.94 -24.41
N ILE A 24 -2.01 14.89 -25.18
CA ILE A 24 -3.22 14.07 -24.97
C ILE A 24 -3.07 13.26 -23.69
N GLN A 25 -4.06 13.29 -22.80
CA GLN A 25 -3.97 12.51 -21.55
C GLN A 25 -5.17 11.60 -21.46
N PHE A 26 -4.97 10.37 -20.98
CA PHE A 26 -6.05 9.40 -20.86
C PHE A 26 -6.57 9.36 -19.43
N THR A 27 -7.81 9.76 -19.23
CA THR A 27 -8.44 9.94 -17.92
C THR A 27 -8.33 8.73 -16.98
N ARG A 28 -8.67 7.55 -17.49
CA ARG A 28 -8.73 6.35 -16.66
C ARG A 28 -7.45 5.53 -16.65
N HIS A 29 -6.39 5.98 -17.34
CA HIS A 29 -5.18 5.17 -17.48
C HIS A 29 -4.58 4.73 -16.16
N ALA A 30 -4.30 5.68 -15.25
CA ALA A 30 -3.66 5.32 -13.97
C ALA A 30 -4.50 4.33 -13.16
N SER A 31 -5.82 4.57 -13.07
N SER A 31 -5.82 4.57 -13.09
N SER A 31 -5.82 4.57 -13.10
CA SER A 31 -6.68 3.65 -12.30
CA SER A 31 -6.74 3.69 -12.36
CA SER A 31 -6.74 3.70 -12.36
C SER A 31 -6.76 2.27 -12.98
C SER A 31 -6.79 2.30 -12.99
C SER A 31 -6.83 2.31 -13.00
N ASP A 32 -6.77 2.24 -14.33
CA ASP A 32 -6.82 0.96 -15.03
C ASP A 32 -5.51 0.20 -14.86
N VAL A 33 -4.36 0.92 -14.81
CA VAL A 33 -3.08 0.24 -14.55
C VAL A 33 -3.11 -0.38 -13.14
N LEU A 34 -3.56 0.41 -12.15
CA LEU A 34 -3.62 -0.10 -10.77
C LEU A 34 -4.56 -1.30 -10.65
N LEU A 35 -5.69 -1.27 -11.38
CA LEU A 35 -6.62 -2.40 -11.41
C LEU A 35 -5.90 -3.67 -11.93
N ASN A 36 -5.10 -3.52 -12.99
CA ASN A 36 -4.35 -4.65 -13.55
C ASN A 36 -3.26 -5.12 -12.58
N LEU A 37 -2.60 -4.18 -11.88
CA LEU A 37 -1.58 -4.59 -10.90
C LEU A 37 -2.24 -5.40 -9.75
N ASN A 38 -3.48 -5.00 -9.35
CA ASN A 38 -4.19 -5.76 -8.31
C ASN A 38 -4.61 -7.14 -8.83
N ARG A 39 -4.99 -7.24 -10.12
CA ARG A 39 -5.35 -8.54 -10.74
C ARG A 39 -4.12 -9.44 -10.75
N LEU A 40 -2.91 -8.90 -11.08
CA LEU A 40 -1.69 -9.70 -11.04
C LEU A 40 -1.44 -10.17 -9.59
N ARG A 41 -1.64 -9.28 -8.60
CA ARG A 41 -1.48 -9.67 -7.21
C ARG A 41 -2.43 -10.83 -6.82
N SER A 42 -3.72 -10.73 -7.18
N SER A 42 -3.72 -10.73 -7.20
CA SER A 42 -4.70 -11.77 -6.85
CA SER A 42 -4.75 -11.74 -6.90
C SER A 42 -4.28 -13.12 -7.41
C SER A 42 -4.45 -13.11 -7.51
N ARG A 43 -3.77 -13.12 -8.65
CA ARG A 43 -3.35 -14.33 -9.32
C ARG A 43 -1.92 -14.77 -9.01
N ASP A 44 -1.20 -14.03 -8.15
CA ASP A 44 0.17 -14.29 -7.75
C ASP A 44 1.14 -14.25 -8.92
N ILE A 45 0.88 -13.34 -9.87
CA ILE A 45 1.72 -13.22 -11.05
C ILE A 45 2.78 -12.15 -10.87
N LEU A 46 4.05 -12.53 -11.04
CA LEU A 46 5.20 -11.63 -10.93
C LEU A 46 5.35 -11.00 -9.56
N THR A 47 4.71 -11.55 -8.53
CA THR A 47 4.93 -11.11 -7.14
C THR A 47 6.37 -11.52 -6.79
N ASP A 48 7.09 -10.63 -6.12
CA ASP A 48 8.51 -10.85 -5.87
C ASP A 48 8.92 -10.69 -4.42
N VAL A 49 7.94 -10.63 -3.49
CA VAL A 49 8.26 -10.52 -2.07
C VAL A 49 7.08 -11.02 -1.26
N VAL A 50 7.40 -11.54 -0.07
N VAL A 50 7.38 -11.56 -0.07
CA VAL A 50 6.42 -11.97 0.94
CA VAL A 50 6.35 -11.94 0.86
C VAL A 50 6.63 -11.05 2.12
C VAL A 50 6.59 -11.13 2.13
N ILE A 51 5.55 -10.42 2.59
CA ILE A 51 5.62 -9.58 3.77
C ILE A 51 5.03 -10.45 4.89
N VAL A 52 5.81 -10.67 5.94
CA VAL A 52 5.39 -11.50 7.05
C VAL A 52 4.97 -10.60 8.21
N VAL A 53 3.74 -10.79 8.71
CA VAL A 53 3.18 -9.98 9.79
C VAL A 53 2.64 -10.97 10.81
N SER A 54 3.46 -11.22 11.84
CA SER A 54 3.17 -12.21 12.87
C SER A 54 2.93 -13.60 12.20
N ARG A 55 1.73 -14.21 12.32
CA ARG A 55 1.53 -15.53 11.70
C ARG A 55 0.97 -15.45 10.27
N GLU A 56 0.97 -14.25 9.65
CA GLU A 56 0.35 -14.09 8.35
C GLU A 56 1.34 -13.65 7.28
N GLN A 57 1.13 -14.11 6.06
CA GLN A 57 2.01 -13.80 4.95
C GLN A 57 1.20 -13.12 3.87
N PHE A 58 1.79 -12.11 3.23
CA PHE A 58 1.12 -11.35 2.17
C PHE A 58 2.08 -11.23 0.99
N ARG A 59 1.71 -11.78 -0.18
CA ARG A 59 2.56 -11.67 -1.36
C ARG A 59 2.26 -10.37 -2.08
N ALA A 60 3.29 -9.75 -2.63
CA ALA A 60 3.14 -8.46 -3.30
C ALA A 60 4.27 -8.14 -4.28
N HIS A 61 4.15 -6.99 -4.93
CA HIS A 61 5.16 -6.50 -5.86
C HIS A 61 5.92 -5.39 -5.16
N LYS A 62 7.24 -5.49 -5.14
CA LYS A 62 8.05 -4.50 -4.46
C LYS A 62 7.85 -3.10 -5.01
N THR A 63 7.72 -2.96 -6.32
CA THR A 63 7.52 -1.63 -6.88
C THR A 63 6.26 -0.95 -6.37
N VAL A 64 5.16 -1.70 -6.21
CA VAL A 64 3.93 -1.11 -5.71
C VAL A 64 4.12 -0.71 -4.23
N LEU A 65 4.76 -1.59 -3.44
CA LEU A 65 5.01 -1.30 -2.01
C LEU A 65 5.86 -0.02 -1.85
N MET A 66 6.95 0.10 -2.64
CA MET A 66 7.82 1.29 -2.60
C MET A 66 7.04 2.52 -3.05
N ALA A 67 6.19 2.37 -4.08
CA ALA A 67 5.41 3.53 -4.56
C ALA A 67 4.41 4.03 -3.52
N CYS A 68 4.06 3.20 -2.51
CA CYS A 68 3.00 3.50 -1.53
C CYS A 68 3.47 3.65 -0.10
N SER A 69 4.75 3.52 0.19
CA SER A 69 5.18 3.52 1.60
C SER A 69 6.60 4.03 1.73
N GLY A 70 6.82 4.98 2.64
CA GLY A 70 8.16 5.47 2.90
C GLY A 70 9.05 4.39 3.47
N LEU A 71 8.48 3.49 4.29
CA LEU A 71 9.25 2.39 4.88
C LEU A 71 9.71 1.41 3.78
N PHE A 72 8.79 0.98 2.90
CA PHE A 72 9.16 0.05 1.83
C PHE A 72 10.08 0.71 0.82
N TYR A 73 9.93 2.02 0.58
CA TYR A 73 10.81 2.74 -0.34
C TYR A 73 12.27 2.68 0.23
N SER A 74 12.41 2.93 1.52
N SER A 74 12.40 2.92 1.54
N SER A 74 12.39 2.92 1.54
CA SER A 74 13.73 2.88 2.15
CA SER A 74 13.71 2.89 2.20
CA SER A 74 13.68 2.90 2.23
C SER A 74 14.29 1.46 2.08
C SER A 74 14.31 1.49 2.28
C SER A 74 14.29 1.49 2.21
N ILE A 75 13.47 0.47 2.42
CA ILE A 75 13.94 -0.93 2.45
C ILE A 75 14.41 -1.40 1.07
N PHE A 76 13.59 -1.20 0.02
CA PHE A 76 13.92 -1.75 -1.28
C PHE A 76 14.91 -0.90 -2.10
N THR A 77 15.28 0.30 -1.61
CA THR A 77 16.37 1.08 -2.21
C THR A 77 17.71 0.79 -1.49
N ASP A 78 17.68 0.04 -0.37
CA ASP A 78 18.89 -0.33 0.34
C ASP A 78 19.56 -1.43 -0.45
N GLN A 79 20.83 -1.25 -0.76
CA GLN A 79 21.65 -2.14 -1.57
C GLN A 79 21.67 -3.58 -1.08
N LEU A 80 21.52 -3.79 0.23
CA LEU A 80 21.50 -5.13 0.79
C LEU A 80 20.07 -5.70 0.81
N LYS A 81 19.07 -4.92 1.23
CA LYS A 81 17.71 -5.42 1.40
C LYS A 81 16.88 -5.49 0.12
N CYS A 82 17.27 -4.76 -0.93
CA CYS A 82 16.54 -4.76 -2.20
C CYS A 82 16.36 -6.16 -2.79
N ASN A 83 17.28 -7.08 -2.47
CA ASN A 83 17.26 -8.44 -2.99
C ASN A 83 16.59 -9.48 -2.09
N LEU A 84 16.11 -9.08 -0.91
CA LEU A 84 15.45 -10.04 -0.03
C LEU A 84 14.09 -10.43 -0.61
N SER A 85 13.74 -11.72 -0.54
N SER A 85 13.73 -11.72 -0.55
CA SER A 85 12.44 -12.18 -1.02
CA SER A 85 12.42 -12.16 -1.03
C SER A 85 11.39 -12.25 0.11
C SER A 85 11.38 -12.24 0.11
N VAL A 86 11.82 -12.12 1.37
CA VAL A 86 10.96 -12.16 2.54
C VAL A 86 11.33 -10.95 3.39
N ILE A 87 10.30 -10.20 3.83
CA ILE A 87 10.48 -9.05 4.69
C ILE A 87 9.62 -9.28 5.93
N ASN A 88 10.23 -9.25 7.12
CA ASN A 88 9.48 -9.44 8.34
C ASN A 88 9.16 -8.10 8.96
N LEU A 89 7.87 -7.83 9.20
CA LEU A 89 7.52 -6.58 9.86
C LEU A 89 7.64 -6.73 11.36
N ASP A 90 7.66 -5.60 12.08
CA ASP A 90 7.64 -5.56 13.56
C ASP A 90 6.48 -6.45 14.09
N PRO A 91 6.78 -7.39 14.99
CA PRO A 91 5.73 -8.30 15.49
C PRO A 91 4.55 -7.61 16.18
N GLU A 92 4.67 -6.33 16.51
CA GLU A 92 3.58 -5.57 17.11
C GLU A 92 2.54 -5.12 16.06
N ILE A 93 2.89 -5.23 14.75
CA ILE A 93 1.95 -4.83 13.70
C ILE A 93 0.81 -5.81 13.58
N ASN A 94 -0.40 -5.25 13.53
CA ASN A 94 -1.61 -6.02 13.40
C ASN A 94 -1.78 -6.49 11.95
N PRO A 95 -1.93 -7.81 11.74
CA PRO A 95 -2.12 -8.33 10.37
C PRO A 95 -3.32 -7.76 9.62
N GLU A 96 -4.47 -7.58 10.30
CA GLU A 96 -5.64 -7.00 9.65
C GLU A 96 -5.38 -5.57 9.19
N GLY A 97 -4.71 -4.78 10.02
CA GLY A 97 -4.34 -3.41 9.70
C GLY A 97 -3.43 -3.37 8.48
N PHE A 98 -2.44 -4.28 8.44
CA PHE A 98 -1.57 -4.38 7.27
C PHE A 98 -2.38 -4.77 6.02
N CYS A 99 -3.26 -5.77 6.15
CA CYS A 99 -4.09 -6.23 5.02
C CYS A 99 -4.94 -5.09 4.43
N ILE A 100 -5.55 -4.29 5.30
CA ILE A 100 -6.36 -3.16 4.88
C ILE A 100 -5.51 -2.16 4.09
N LEU A 101 -4.30 -1.89 4.59
CA LEU A 101 -3.39 -0.96 3.90
C LEU A 101 -2.83 -1.52 2.60
N LEU A 102 -2.52 -2.82 2.54
CA LEU A 102 -2.04 -3.43 1.29
C LEU A 102 -3.14 -3.36 0.21
N ASP A 103 -4.41 -3.60 0.63
CA ASP A 103 -5.54 -3.47 -0.28
C ASP A 103 -5.68 -2.03 -0.78
N PHE A 104 -5.50 -1.06 0.13
CA PHE A 104 -5.54 0.36 -0.23
C PHE A 104 -4.47 0.68 -1.28
N MET A 105 -3.25 0.15 -1.08
CA MET A 105 -2.17 0.42 -2.03
C MET A 105 -2.55 0.02 -3.46
N TYR A 106 -3.17 -1.13 -3.59
CA TYR A 106 -3.56 -1.67 -4.88
C TYR A 106 -4.93 -1.23 -5.42
N THR A 107 -5.72 -0.54 -4.62
CA THR A 107 -7.06 -0.12 -5.07
C THR A 107 -7.52 1.34 -4.94
N SER A 108 -6.85 2.12 -4.08
CA SER A 108 -7.16 3.50 -3.68
C SER A 108 -8.35 3.56 -2.69
N ARG A 109 -8.81 2.39 -2.26
N ARG A 109 -8.81 2.38 -2.26
CA ARG A 109 -9.92 2.30 -1.34
CA ARG A 109 -9.93 2.28 -1.32
C ARG A 109 -9.45 1.84 0.03
C ARG A 109 -9.42 1.85 0.04
N LEU A 110 -9.80 2.63 1.06
CA LEU A 110 -9.37 2.38 2.42
C LEU A 110 -10.58 1.97 3.26
N ASN A 111 -10.63 0.71 3.66
CA ASN A 111 -11.78 0.22 4.43
C ASN A 111 -11.63 0.54 5.93
N LEU A 112 -11.80 1.82 6.32
CA LEU A 112 -11.70 2.19 7.73
C LEU A 112 -13.01 1.88 8.40
N ARG A 113 -12.94 1.31 9.60
CA ARG A 113 -14.08 0.98 10.45
C ARG A 113 -13.70 1.31 11.89
N GLU A 114 -14.70 1.54 12.77
CA GLU A 114 -14.46 1.85 14.19
C GLU A 114 -13.56 0.81 14.85
N GLY A 115 -13.79 -0.47 14.51
CA GLY A 115 -13.02 -1.58 15.05
C GLY A 115 -11.63 -1.81 14.52
N ASN A 116 -11.25 -1.12 13.42
CA ASN A 116 -9.91 -1.31 12.86
C ASN A 116 -9.08 -0.02 12.77
N ILE A 117 -9.71 1.16 12.97
CA ILE A 117 -9.04 2.44 12.74
C ILE A 117 -7.75 2.64 13.58
N MET A 118 -7.70 2.21 14.84
CA MET A 118 -6.48 2.36 15.63
C MET A 118 -5.35 1.52 15.04
N ALA A 119 -5.64 0.27 14.65
CA ALA A 119 -4.63 -0.61 14.08
C ALA A 119 -4.19 -0.11 12.71
N VAL A 120 -5.13 0.39 11.91
CA VAL A 120 -4.79 0.92 10.58
C VAL A 120 -3.89 2.14 10.74
N MET A 121 -4.24 3.05 11.68
CA MET A 121 -3.43 4.24 11.90
C MET A 121 -2.01 3.90 12.39
N ALA A 122 -1.87 3.00 13.37
CA ALA A 122 -0.55 2.61 13.88
C ALA A 122 0.29 1.96 12.75
N THR A 123 -0.36 1.14 11.93
CA THR A 123 0.33 0.46 10.82
C THR A 123 0.78 1.49 9.77
N ALA A 124 -0.07 2.47 9.47
CA ALA A 124 0.25 3.50 8.48
C ALA A 124 1.40 4.39 8.99
N MET A 125 1.48 4.62 10.31
CA MET A 125 2.60 5.39 10.89
C MET A 125 3.91 4.61 10.68
N TYR A 126 3.91 3.30 11.01
CA TYR A 126 5.06 2.42 10.84
C TYR A 126 5.49 2.37 9.35
N LEU A 127 4.51 2.26 8.47
CA LEU A 127 4.77 2.17 7.03
C LEU A 127 5.05 3.50 6.34
N GLN A 128 4.94 4.60 7.08
CA GLN A 128 5.13 5.93 6.55
C GLN A 128 4.20 6.28 5.38
N MET A 129 2.91 6.23 5.66
CA MET A 129 1.85 6.56 4.72
C MET A 129 1.09 7.72 5.41
N GLU A 130 1.63 8.92 5.24
CA GLU A 130 1.21 10.14 5.94
C GLU A 130 -0.22 10.59 5.73
N HIS A 131 -0.71 10.67 4.50
CA HIS A 131 -2.09 11.09 4.26
C HIS A 131 -3.08 10.10 4.86
N VAL A 132 -2.74 8.78 4.88
CA VAL A 132 -3.60 7.80 5.54
C VAL A 132 -3.62 8.08 7.06
N VAL A 133 -2.45 8.33 7.65
CA VAL A 133 -2.38 8.68 9.08
C VAL A 133 -3.24 9.92 9.41
N ASP A 134 -3.10 10.98 8.62
CA ASP A 134 -3.86 12.23 8.77
C ASP A 134 -5.36 11.98 8.67
N THR A 135 -5.78 11.15 7.72
CA THR A 135 -7.19 10.81 7.53
C THR A 135 -7.71 10.07 8.75
N CYS A 136 -6.92 9.12 9.28
CA CYS A 136 -7.29 8.36 10.48
C CYS A 136 -7.47 9.31 11.66
N ARG A 137 -6.53 10.26 11.84
N ARG A 137 -6.54 10.25 11.85
CA ARG A 137 -6.61 11.25 12.92
CA ARG A 137 -6.62 11.24 12.93
C ARG A 137 -7.89 12.07 12.83
C ARG A 137 -7.89 12.08 12.84
N LYS A 138 -8.26 12.49 11.62
CA LYS A 138 -9.48 13.29 11.40
C LYS A 138 -10.75 12.51 11.74
N PHE A 139 -10.81 11.22 11.33
CA PHE A 139 -11.98 10.40 11.63
C PHE A 139 -12.08 10.12 13.15
N ILE A 140 -10.93 9.95 13.82
CA ILE A 140 -10.90 9.72 15.27
C ILE A 140 -11.37 10.97 16.00
N LYS A 141 -10.90 12.15 15.56
CA LYS A 141 -11.26 13.45 16.13
C LYS A 141 -12.79 13.71 16.04
N ALA A 142 -13.43 13.22 14.98
CA ALA A 142 -14.87 13.39 14.81
C ALA A 142 -15.69 12.55 15.79
N SER A 143 -15.15 11.41 16.24
CA SER A 143 -15.86 10.52 17.16
C SER A 143 -15.66 10.84 18.64
N GLU A 144 -14.79 11.82 18.97
CA GLU A 144 -14.55 12.19 20.36
C GLU A 144 -15.54 13.26 20.82
#